data_2I6X
#
_entry.id   2I6X
#
_cell.length_a   78.727
_cell.length_b   78.727
_cell.length_c   139.879
_cell.angle_alpha   90.00
_cell.angle_beta   90.00
_cell.angle_gamma   120.00
#
_symmetry.space_group_name_H-M   'P 62 2 2'
#
loop_
_entity.id
_entity.type
_entity.pdbx_description
1 polymer 'Hydrolase, haloacid dehalogenase-like family'
2 water water
#
_entity_poly.entity_id   1
_entity_poly.type   'polypeptide(L)'
_entity_poly.pdbx_seq_one_letter_code
;SNA(MSE)IRNIVFDLGGVLIHLNREESIRRFKAIGVADIEE(MSE)LDPYLQKGLFLDLESGRKSEEEFRTELSRYIGK
ELTYQQVYDALLGFLEEISAEKFDYIDSLRPDYRLFLLSNTNPYVLDLA(MSE)SPRFLPSGRTLDSFFDKVYASCQ
(MSE)GKYKPNEDIFLE(MSE)IADSG(MSE)KPEETLFIDDGPANVATAERLGFHTYCPDNGENWIPAITRLLREQK
;
_entity_poly.pdbx_strand_id   A
#
# COMPACT_ATOMS: atom_id res chain seq x y z
N ALA A 3 10.40 9.73 24.70
CA ALA A 3 10.76 8.96 23.45
C ALA A 3 10.91 9.85 22.19
N ILE A 5 10.04 8.81 19.01
CA ILE A 5 8.96 8.56 18.09
C ILE A 5 7.62 8.55 18.85
N ARG A 6 6.66 9.33 18.36
CA ARG A 6 5.28 9.35 18.84
C ARG A 6 4.29 8.71 17.84
N ASN A 7 4.63 8.78 16.55
CA ASN A 7 3.78 8.33 15.48
C ASN A 7 4.53 7.35 14.57
N ILE A 8 3.83 6.36 14.04
CA ILE A 8 4.45 5.44 13.13
C ILE A 8 3.51 5.29 11.95
N VAL A 9 4.06 5.38 10.74
CA VAL A 9 3.31 5.31 9.49
C VAL A 9 3.83 4.12 8.71
N PHE A 10 2.94 3.27 8.23
CA PHE A 10 3.32 2.06 7.50
C PHE A 10 2.81 2.15 6.09
N ASP A 11 3.58 1.62 5.14
CA ASP A 11 2.97 1.25 3.83
C ASP A 11 2.25 -0.10 4.01
N LEU A 12 1.41 -0.46 3.06
CA LEU A 12 0.69 -1.71 3.06
C LEU A 12 1.48 -2.73 2.23
N GLY A 13 1.47 -2.56 0.91
CA GLY A 13 2.22 -3.42 0.02
C GLY A 13 3.70 -3.35 0.35
N GLY A 14 4.35 -4.51 0.43
CA GLY A 14 5.79 -4.56 0.67
C GLY A 14 6.09 -4.70 2.15
N VAL A 15 5.59 -3.77 2.93
CA VAL A 15 5.76 -3.73 4.37
C VAL A 15 4.89 -4.75 5.17
N LEU A 16 3.57 -4.73 4.92
CA LEU A 16 2.63 -5.57 5.67
C LEU A 16 2.14 -6.75 4.83
N ILE A 17 2.06 -6.56 3.51
CA ILE A 17 1.67 -7.65 2.63
C ILE A 17 2.84 -7.86 1.69
N HIS A 18 3.46 -9.05 1.75
N HIS A 18 3.40 -9.06 1.70
CA HIS A 18 4.51 -9.44 0.81
CA HIS A 18 4.52 -9.40 0.86
C HIS A 18 3.89 -9.54 -0.57
C HIS A 18 3.97 -9.64 -0.56
N LEU A 19 4.60 -8.98 -1.55
CA LEU A 19 4.10 -8.90 -2.91
C LEU A 19 4.76 -9.85 -3.88
N ASN A 20 4.04 -10.21 -4.94
CA ASN A 20 4.53 -11.10 -5.99
C ASN A 20 4.02 -10.56 -7.32
N ARG A 21 4.80 -9.69 -7.93
CA ARG A 21 4.35 -9.04 -9.17
C ARG A 21 4.23 -9.98 -10.37
N GLU A 22 5.14 -10.95 -10.44
N GLU A 22 5.13 -10.96 -10.50
CA GLU A 22 5.18 -11.97 -11.49
CA GLU A 22 5.07 -11.86 -11.65
C GLU A 22 3.83 -12.69 -11.64
C GLU A 22 3.79 -12.73 -11.67
N GLU A 23 3.26 -13.05 -10.50
CA GLU A 23 2.00 -13.77 -10.42
C GLU A 23 0.84 -12.92 -10.95
N SER A 24 0.77 -11.68 -10.50
CA SER A 24 -0.17 -10.74 -11.11
C SER A 24 0.09 -10.56 -12.61
N ILE A 25 1.35 -10.49 -13.04
CA ILE A 25 1.65 -10.42 -14.48
C ILE A 25 1.08 -11.66 -15.22
N ARG A 26 1.21 -12.83 -14.60
N ARG A 26 1.21 -12.83 -14.60
CA ARG A 26 0.69 -14.10 -15.15
CA ARG A 26 0.69 -14.09 -15.16
C ARG A 26 -0.83 -14.05 -15.34
C ARG A 26 -0.82 -14.02 -15.36
N ARG A 27 -1.55 -13.60 -14.31
CA ARG A 27 -3.01 -13.52 -14.35
C ARG A 27 -3.51 -12.50 -15.38
N PHE A 28 -2.85 -11.33 -15.42
CA PHE A 28 -3.17 -10.32 -16.44
C PHE A 28 -3.00 -10.80 -17.88
N LYS A 29 -1.91 -11.53 -18.14
CA LYS A 29 -1.70 -12.14 -19.44
C LYS A 29 -2.85 -13.09 -19.78
N ALA A 30 -3.23 -13.94 -18.83
CA ALA A 30 -4.30 -14.91 -19.07
C ALA A 30 -5.68 -14.28 -19.39
N ILE A 31 -5.92 -13.04 -18.97
CA ILE A 31 -7.13 -12.32 -19.41
C ILE A 31 -6.91 -11.32 -20.55
N GLY A 32 -5.82 -11.49 -21.30
CA GLY A 32 -5.58 -10.70 -22.52
C GLY A 32 -4.82 -9.40 -22.40
N VAL A 33 -4.47 -9.01 -21.17
CA VAL A 33 -3.65 -7.80 -20.98
C VAL A 33 -2.18 -8.16 -21.24
N ALA A 34 -1.82 -8.18 -22.52
CA ALA A 34 -0.56 -8.74 -22.99
C ALA A 34 0.68 -7.84 -22.74
N ASP A 35 0.47 -6.53 -22.83
CA ASP A 35 1.54 -5.57 -22.60
C ASP A 35 1.57 -5.16 -21.12
N ILE A 36 1.06 -6.04 -20.26
CA ILE A 36 0.93 -5.74 -18.82
C ILE A 36 2.24 -5.37 -18.13
N GLU A 37 3.31 -6.07 -18.48
CA GLU A 37 4.58 -5.91 -17.79
C GLU A 37 5.10 -4.47 -17.95
N GLU A 38 4.95 -3.92 -19.15
CA GLU A 38 5.33 -2.53 -19.36
C GLU A 38 4.31 -1.55 -18.76
N LEU A 40 2.73 -2.00 -16.02
CA LEU A 40 3.02 -2.04 -14.59
C LEU A 40 4.45 -1.60 -14.18
N ASP A 41 5.25 -1.11 -15.13
CA ASP A 41 6.62 -0.69 -14.85
C ASP A 41 6.71 0.82 -14.49
N PRO A 42 7.56 1.18 -13.49
CA PRO A 42 7.83 2.59 -13.09
C PRO A 42 8.58 3.41 -14.16
N LYS A 46 2.41 8.92 -16.42
CA LYS A 46 1.61 8.45 -17.56
C LYS A 46 1.22 6.99 -17.40
N GLY A 47 -0.08 6.72 -17.45
CA GLY A 47 -0.57 5.34 -17.52
C GLY A 47 -1.88 5.14 -16.80
N LEU A 48 -2.70 4.23 -17.29
CA LEU A 48 -3.98 4.02 -16.63
C LEU A 48 -3.93 3.26 -15.32
N PHE A 49 -2.89 2.46 -15.08
CA PHE A 49 -2.69 1.93 -13.74
C PHE A 49 -2.40 3.05 -12.72
N LEU A 50 -1.71 4.11 -13.16
CA LEU A 50 -1.52 5.27 -12.30
C LEU A 50 -2.84 6.01 -12.08
N ASP A 51 -3.68 6.06 -13.10
CA ASP A 51 -4.98 6.70 -12.99
C ASP A 51 -5.82 5.94 -11.96
N LEU A 52 -5.61 4.63 -11.90
CA LEU A 52 -6.28 3.79 -10.94
C LEU A 52 -5.84 4.05 -9.46
N GLU A 53 -4.52 4.19 -9.21
CA GLU A 53 -3.97 4.41 -7.84
C GLU A 53 -4.30 5.79 -7.34
N SER A 54 -4.25 6.75 -8.24
CA SER A 54 -4.34 8.15 -7.90
C SER A 54 -5.79 8.58 -7.78
N GLY A 55 -6.72 7.71 -8.17
CA GLY A 55 -8.13 8.05 -8.14
C GLY A 55 -8.62 8.83 -9.34
N ARG A 56 -7.70 9.20 -10.24
CA ARG A 56 -8.08 10.00 -11.41
C ARG A 56 -9.15 9.31 -12.28
N LYS A 57 -9.00 8.01 -12.51
CA LYS A 57 -10.10 7.19 -13.00
C LYS A 57 -10.66 6.34 -11.86
N SER A 58 -11.99 6.31 -11.78
CA SER A 58 -12.68 5.36 -10.94
C SER A 58 -12.40 3.92 -11.42
N GLU A 59 -12.75 2.95 -10.59
CA GLU A 59 -12.61 1.54 -10.95
C GLU A 59 -13.33 1.26 -12.28
N GLU A 60 -14.58 1.68 -12.38
CA GLU A 60 -15.39 1.52 -13.60
C GLU A 60 -14.73 2.14 -14.82
N GLU A 61 -14.20 3.34 -14.65
CA GLU A 61 -13.52 4.07 -15.73
C GLU A 61 -12.23 3.38 -16.20
N PHE A 62 -11.43 2.90 -15.26
CA PHE A 62 -10.17 2.20 -15.56
C PHE A 62 -10.41 0.89 -16.34
N ARG A 63 -11.46 0.16 -15.96
CA ARG A 63 -11.74 -1.11 -16.58
C ARG A 63 -12.29 -0.92 -17.99
N THR A 64 -13.15 0.08 -18.15
CA THR A 64 -13.66 0.48 -19.45
C THR A 64 -12.50 0.80 -20.38
N GLU A 65 -11.58 1.64 -19.92
CA GLU A 65 -10.42 2.00 -20.75
C GLU A 65 -9.48 0.82 -21.01
N LEU A 66 -9.32 -0.05 -20.01
CA LEU A 66 -8.44 -1.22 -20.14
C LEU A 66 -9.01 -2.20 -21.16
N SER A 67 -10.33 -2.40 -21.09
CA SER A 67 -11.08 -3.19 -22.07
C SER A 67 -10.85 -2.64 -23.49
N ARG A 68 -11.05 -1.33 -23.67
CA ARG A 68 -10.79 -0.67 -24.96
C ARG A 68 -9.35 -0.95 -25.38
N TYR A 69 -8.41 -0.86 -24.44
CA TYR A 69 -6.98 -1.04 -24.71
C TYR A 69 -6.60 -2.43 -25.23
N ILE A 70 -7.22 -3.47 -24.71
CA ILE A 70 -6.87 -4.81 -25.15
C ILE A 70 -7.84 -5.37 -26.21
N GLY A 71 -8.92 -4.63 -26.48
CA GLY A 71 -9.97 -5.06 -27.40
C GLY A 71 -10.73 -6.26 -26.88
N LYS A 72 -11.05 -6.23 -25.59
CA LYS A 72 -11.72 -7.34 -24.92
C LYS A 72 -12.34 -6.83 -23.64
N GLU A 73 -13.59 -7.20 -23.39
CA GLU A 73 -14.33 -6.78 -22.21
CA GLU A 73 -14.32 -6.77 -22.20
C GLU A 73 -13.88 -7.55 -20.97
N LEU A 74 -13.46 -6.80 -19.96
CA LEU A 74 -13.07 -7.33 -18.66
C LEU A 74 -14.08 -6.89 -17.62
N THR A 75 -14.40 -7.81 -16.73
CA THR A 75 -15.31 -7.61 -15.63
C THR A 75 -14.53 -7.18 -14.38
N TYR A 76 -15.24 -6.60 -13.42
CA TYR A 76 -14.69 -6.34 -12.11
C TYR A 76 -13.91 -7.55 -11.57
N GLN A 77 -14.58 -8.71 -11.57
CA GLN A 77 -14.10 -9.92 -10.96
C GLN A 77 -12.80 -10.38 -11.59
N GLN A 78 -12.69 -10.26 -12.91
CA GLN A 78 -11.48 -10.62 -13.64
C GLN A 78 -10.27 -9.81 -13.28
N VAL A 79 -10.46 -8.50 -13.11
CA VAL A 79 -9.34 -7.61 -12.86
C VAL A 79 -8.97 -7.71 -11.41
N TYR A 80 -9.99 -7.68 -10.56
CA TYR A 80 -9.85 -7.92 -9.14
C TYR A 80 -8.97 -9.18 -8.87
N ASP A 81 -9.37 -10.31 -9.48
CA ASP A 81 -8.63 -11.56 -9.39
C ASP A 81 -7.16 -11.49 -9.86
N ALA A 82 -6.91 -10.77 -10.95
CA ALA A 82 -5.54 -10.57 -11.43
C ALA A 82 -4.72 -9.65 -10.52
N LEU A 83 -5.31 -8.54 -10.08
CA LEU A 83 -4.61 -7.66 -9.17
C LEU A 83 -4.29 -8.38 -7.86
N LEU A 84 -5.23 -9.18 -7.37
CA LEU A 84 -4.96 -9.88 -6.12
C LEU A 84 -3.86 -10.97 -6.22
N GLY A 85 -3.40 -11.28 -7.44
CA GLY A 85 -2.23 -12.14 -7.63
C GLY A 85 -0.97 -11.55 -7.03
N PHE A 86 -0.93 -10.22 -6.92
CA PHE A 86 0.13 -9.48 -6.22
C PHE A 86 0.31 -9.89 -4.76
N LEU A 87 -0.79 -10.28 -4.08
CA LEU A 87 -0.75 -10.41 -2.62
C LEU A 87 -0.33 -11.81 -2.19
N GLU A 88 0.97 -11.98 -1.96
CA GLU A 88 1.54 -13.30 -1.71
C GLU A 88 1.44 -13.72 -0.24
N GLU A 89 1.57 -12.77 0.68
CA GLU A 89 1.29 -13.03 2.09
C GLU A 89 0.82 -11.80 2.86
N ILE A 90 -0.36 -11.91 3.46
CA ILE A 90 -0.83 -10.93 4.40
C ILE A 90 -0.29 -11.33 5.79
N SER A 91 0.72 -10.58 6.26
CA SER A 91 1.45 -10.93 7.49
C SER A 91 0.59 -10.78 8.75
N ALA A 92 0.01 -11.89 9.18
CA ALA A 92 -0.70 -11.94 10.45
C ALA A 92 0.17 -11.43 11.62
N GLU A 93 1.44 -11.86 11.69
CA GLU A 93 2.30 -11.46 12.80
C GLU A 93 2.64 -9.97 12.84
N LYS A 94 2.83 -9.35 11.68
CA LYS A 94 3.07 -7.92 11.63
C LYS A 94 1.83 -7.13 12.00
N PHE A 95 0.64 -7.63 11.66
CA PHE A 95 -0.59 -6.99 12.13
C PHE A 95 -0.77 -7.13 13.64
N ASP A 96 -0.47 -8.32 14.17
CA ASP A 96 -0.45 -8.53 15.61
C ASP A 96 0.48 -7.55 16.32
N TYR A 97 1.68 -7.36 15.76
CA TYR A 97 2.68 -6.48 16.33
C TYR A 97 2.19 -5.03 16.32
N ILE A 98 1.61 -4.62 15.21
CA ILE A 98 1.06 -3.29 15.05
C ILE A 98 -0.05 -3.12 16.07
N ASP A 99 -0.86 -4.15 16.27
CA ASP A 99 -1.93 -4.07 17.23
C ASP A 99 -1.42 -3.81 18.65
N SER A 100 -0.25 -4.35 18.97
CA SER A 100 0.39 -4.13 20.27
C SER A 100 0.90 -2.70 20.42
N LEU A 101 1.11 -2.01 19.30
CA LEU A 101 1.67 -0.68 19.33
C LEU A 101 0.64 0.39 19.64
N ARG A 102 -0.64 0.06 19.52
CA ARG A 102 -1.68 1.11 19.51
C ARG A 102 -1.83 1.93 20.79
N PRO A 103 -1.70 1.29 21.95
CA PRO A 103 -1.83 2.16 23.10
C PRO A 103 -0.68 3.15 23.29
N ASP A 104 0.48 2.89 22.70
CA ASP A 104 1.67 3.71 22.98
C ASP A 104 1.99 4.70 21.87
N TYR A 105 1.39 4.53 20.72
CA TYR A 105 1.72 5.30 19.52
C TYR A 105 0.46 5.59 18.77
N ARG A 106 0.52 6.67 18.00
CA ARG A 106 -0.44 6.93 16.97
C ARG A 106 0.05 6.23 15.70
N LEU A 107 -0.83 5.45 15.07
CA LEU A 107 -0.48 4.58 13.97
C LEU A 107 -1.26 4.97 12.74
N PHE A 108 -0.56 5.03 11.61
CA PHE A 108 -1.14 5.45 10.36
C PHE A 108 -0.69 4.55 9.23
N LEU A 109 -1.53 4.42 8.21
CA LEU A 109 -1.15 3.77 6.97
C LEU A 109 -1.05 4.82 5.85
N LEU A 110 0.06 4.82 5.11
CA LEU A 110 0.14 5.66 3.92
C LEU A 110 0.50 4.75 2.75
N SER A 111 -0.47 4.57 1.86
CA SER A 111 -0.37 3.53 0.87
C SER A 111 -0.81 3.97 -0.52
N ASN A 112 0.02 3.66 -1.53
CA ASN A 112 -0.45 3.68 -2.92
C ASN A 112 -1.19 2.38 -3.18
N THR A 113 -2.47 2.48 -3.49
CA THR A 113 -3.29 1.31 -3.60
C THR A 113 -4.49 1.59 -4.50
N ASN A 114 -5.24 0.54 -4.80
CA ASN A 114 -6.32 0.68 -5.74
C ASN A 114 -7.60 0.24 -5.02
N PRO A 115 -8.78 0.56 -5.58
CA PRO A 115 -10.08 0.15 -4.98
C PRO A 115 -10.28 -1.35 -4.73
N TYR A 116 -9.67 -2.21 -5.54
CA TYR A 116 -9.80 -3.66 -5.43
C TYR A 116 -9.15 -4.14 -4.12
N VAL A 117 -7.92 -3.73 -3.89
CA VAL A 117 -7.21 -4.13 -2.69
C VAL A 117 -7.94 -3.58 -1.47
N LEU A 118 -8.44 -2.36 -1.59
CA LEU A 118 -9.22 -1.74 -0.54
C LEU A 118 -10.53 -2.48 -0.26
N ASP A 119 -11.22 -2.95 -1.32
CA ASP A 119 -12.37 -3.80 -1.12
C ASP A 119 -11.98 -5.06 -0.30
N LEU A 120 -10.83 -5.66 -0.62
CA LEU A 120 -10.38 -6.84 0.14
C LEU A 120 -10.05 -6.48 1.59
N ALA A 121 -9.29 -5.42 1.75
CA ALA A 121 -8.82 -4.95 3.05
C ALA A 121 -9.94 -4.53 4.01
N SER A 123 -12.93 -5.96 4.07
CA SER A 123 -13.83 -7.09 4.26
C SER A 123 -13.40 -7.93 5.48
N PRO A 124 -14.29 -8.84 5.94
CA PRO A 124 -13.86 -9.78 6.99
C PRO A 124 -13.02 -10.98 6.49
N ARG A 125 -12.53 -10.89 5.26
CA ARG A 125 -11.70 -11.94 4.67
C ARG A 125 -10.25 -11.50 4.54
N PHE A 126 -9.93 -10.32 5.04
CA PHE A 126 -8.58 -9.82 4.91
C PHE A 126 -7.60 -10.59 5.81
N LEU A 127 -8.01 -10.86 7.05
CA LEU A 127 -7.15 -11.50 8.06
C LEU A 127 -7.90 -12.61 8.78
N PRO A 128 -7.16 -13.64 9.25
CA PRO A 128 -7.84 -14.75 9.91
C PRO A 128 -8.71 -14.25 11.05
N SER A 129 -8.34 -13.12 11.63
CA SER A 129 -9.04 -12.59 12.78
C SER A 129 -10.37 -11.95 12.39
N GLY A 130 -10.56 -11.66 11.11
CA GLY A 130 -11.73 -10.91 10.63
C GLY A 130 -11.63 -9.42 10.90
N ARG A 131 -10.43 -8.95 11.17
CA ARG A 131 -10.24 -7.54 11.46
C ARG A 131 -9.99 -6.76 10.20
N THR A 132 -10.60 -5.59 10.10
CA THR A 132 -10.48 -4.78 8.90
C THR A 132 -9.18 -4.00 9.02
N LEU A 133 -8.65 -3.60 7.86
CA LEU A 133 -7.44 -2.83 7.79
C LEU A 133 -7.56 -1.53 8.58
N ASP A 134 -8.72 -0.89 8.47
CA ASP A 134 -8.95 0.38 9.11
CA ASP A 134 -8.94 0.40 9.13
C ASP A 134 -8.84 0.26 10.64
N SER A 135 -9.16 -0.91 11.17
CA SER A 135 -9.13 -1.13 12.62
C SER A 135 -7.73 -1.14 13.29
N PHE A 136 -6.64 -1.15 12.52
CA PHE A 136 -5.29 -1.14 13.13
C PHE A 136 -4.71 0.28 13.21
N PHE A 137 -5.31 1.23 12.52
CA PHE A 137 -4.72 2.55 12.42
C PHE A 137 -5.63 3.61 12.98
N ASP A 138 -5.03 4.70 13.44
CA ASP A 138 -5.83 5.85 13.79
C ASP A 138 -6.47 6.39 12.53
N LYS A 139 -5.72 6.36 11.44
CA LYS A 139 -6.25 6.66 10.11
C LYS A 139 -5.47 6.02 8.95
N VAL A 140 -6.23 5.66 7.91
CA VAL A 140 -5.73 5.15 6.65
C VAL A 140 -5.71 6.26 5.58
N TYR A 141 -4.52 6.47 5.04
CA TYR A 141 -4.30 7.38 3.94
C TYR A 141 -4.02 6.58 2.67
N ALA A 142 -5.03 6.53 1.80
CA ALA A 142 -4.98 5.70 0.59
C ALA A 142 -5.00 6.58 -0.65
N SER A 143 -3.97 6.43 -1.48
CA SER A 143 -3.82 7.22 -2.70
C SER A 143 -5.11 7.44 -3.49
N CYS A 144 -5.82 6.35 -3.80
CA CYS A 144 -7.05 6.43 -4.61
C CYS A 144 -8.20 7.13 -3.89
N GLN A 145 -8.17 7.20 -2.56
CA GLN A 145 -9.20 7.95 -1.86
C GLN A 145 -8.87 9.45 -1.84
N GLY A 147 -6.94 11.24 -4.24
CA GLY A 147 -6.54 11.84 -5.49
C GLY A 147 -5.07 12.26 -5.52
N LYS A 148 -4.22 11.60 -4.74
CA LYS A 148 -2.78 11.92 -4.73
C LYS A 148 -2.00 10.62 -4.54
N TYR A 149 -0.70 10.65 -4.78
CA TYR A 149 0.08 9.42 -4.76
C TYR A 149 1.49 9.73 -4.39
N LYS A 150 2.10 8.82 -3.65
CA LYS A 150 3.53 8.84 -3.40
C LYS A 150 4.22 8.59 -4.74
N PRO A 151 5.41 9.16 -4.94
CA PRO A 151 6.19 9.93 -3.94
C PRO A 151 6.00 11.45 -3.89
N ASN A 152 4.89 11.96 -4.42
CA ASN A 152 4.67 13.41 -4.37
C ASN A 152 4.53 13.84 -2.93
N GLU A 153 5.02 15.05 -2.65
CA GLU A 153 4.89 15.66 -1.32
C GLU A 153 3.45 15.96 -0.94
N ASP A 154 2.59 16.29 -1.91
CA ASP A 154 1.21 16.63 -1.57
C ASP A 154 0.52 15.56 -0.70
N ILE A 155 0.77 14.29 -0.95
CA ILE A 155 0.09 13.25 -0.19
C ILE A 155 0.63 13.20 1.27
N PHE A 156 1.94 13.33 1.44
CA PHE A 156 2.53 13.54 2.77
C PHE A 156 1.96 14.75 3.50
N LEU A 157 1.79 15.86 2.78
CA LEU A 157 1.34 17.09 3.40
C LEU A 157 -0.13 17.04 3.84
N GLU A 158 -0.99 16.41 3.04
CA GLU A 158 -2.37 16.19 3.42
C GLU A 158 -2.43 15.38 4.73
N ILE A 160 0.00 14.95 7.12
CA ILE A 160 0.45 15.86 8.19
C ILE A 160 -0.63 16.80 8.68
N ALA A 161 -1.26 17.56 7.76
CA ALA A 161 -2.36 18.46 8.11
C ALA A 161 -3.52 17.72 8.80
N ASP A 162 -3.92 16.56 8.25
CA ASP A 162 -5.09 15.86 8.76
C ASP A 162 -4.84 15.19 10.12
N SER A 163 -3.65 14.63 10.31
CA SER A 163 -3.31 13.88 11.54
C SER A 163 -2.70 14.75 12.61
N GLY A 164 -2.05 15.84 12.21
CA GLY A 164 -1.27 16.67 13.13
C GLY A 164 0.06 16.08 13.57
N LYS A 166 3.93 15.57 13.74
CA LYS A 166 5.22 16.22 13.48
C LYS A 166 6.15 15.19 12.81
N PRO A 167 6.67 15.52 11.61
CA PRO A 167 7.59 14.59 10.92
C PRO A 167 8.78 14.13 11.78
N GLU A 168 9.36 15.02 12.58
CA GLU A 168 10.50 14.61 13.38
C GLU A 168 10.11 13.71 14.56
N GLU A 169 8.81 13.49 14.76
CA GLU A 169 8.36 12.59 15.80
C GLU A 169 7.75 11.33 15.20
N THR A 170 7.91 11.18 13.89
CA THR A 170 7.22 10.12 13.17
C THR A 170 8.19 9.17 12.49
N LEU A 171 7.95 7.87 12.63
CA LEU A 171 8.72 6.86 11.92
C LEU A 171 7.95 6.36 10.70
N PHE A 172 8.54 6.46 9.51
CA PHE A 172 7.87 6.11 8.23
C PHE A 172 8.49 4.83 7.68
N ILE A 173 7.67 3.79 7.51
CA ILE A 173 8.18 2.46 7.12
C ILE A 173 7.65 2.12 5.74
N ASP A 174 8.53 2.18 4.75
CA ASP A 174 8.12 2.00 3.34
C ASP A 174 9.27 1.34 2.58
N ASP A 175 8.95 0.40 1.71
CA ASP A 175 9.93 -0.38 0.95
C ASP A 175 10.27 0.33 -0.35
N GLY A 176 9.55 1.41 -0.64
CA GLY A 176 9.76 2.22 -1.82
C GLY A 176 10.82 3.28 -1.63
N PRO A 177 11.98 3.09 -2.27
CA PRO A 177 13.06 4.07 -2.20
C PRO A 177 12.64 5.51 -2.45
N ALA A 178 11.83 5.77 -3.48
CA ALA A 178 11.37 7.15 -3.79
C ALA A 178 10.45 7.68 -2.70
N ASN A 179 9.61 6.82 -2.13
CA ASN A 179 8.74 7.19 -1.02
C ASN A 179 9.55 7.58 0.23
N VAL A 180 10.53 6.75 0.59
CA VAL A 180 11.51 7.04 1.64
C VAL A 180 12.27 8.35 1.44
N ALA A 181 12.81 8.54 0.24
CA ALA A 181 13.49 9.82 -0.10
C ALA A 181 12.59 11.05 0.14
N THR A 182 11.32 10.96 -0.20
CA THR A 182 10.40 12.08 0.04
C THR A 182 10.14 12.29 1.52
N ALA A 183 10.00 11.21 2.28
CA ALA A 183 9.78 11.34 3.74
C ALA A 183 11.02 11.92 4.45
N GLU A 184 12.21 11.51 4.02
CA GLU A 184 13.46 12.13 4.50
C GLU A 184 13.49 13.64 4.26
N ARG A 185 13.11 14.04 3.06
N ARG A 185 13.14 14.06 3.04
CA ARG A 185 13.12 15.43 2.60
CA ARG A 185 13.14 15.48 2.66
C ARG A 185 12.21 16.28 3.50
C ARG A 185 12.22 16.28 3.57
N LEU A 186 11.08 15.69 3.89
CA LEU A 186 10.09 16.32 4.75
C LEU A 186 10.39 16.26 6.26
N GLY A 187 11.45 15.54 6.65
CA GLY A 187 11.88 15.52 8.04
C GLY A 187 11.47 14.28 8.83
N PHE A 188 10.87 13.28 8.18
CA PHE A 188 10.57 11.99 8.83
C PHE A 188 11.81 11.15 9.17
N HIS A 189 11.70 10.37 10.25
CA HIS A 189 12.50 9.16 10.46
C HIS A 189 11.98 8.12 9.50
N THR A 190 12.90 7.41 8.84
CA THR A 190 12.48 6.42 7.87
C THR A 190 13.12 5.07 8.17
N TYR A 191 12.45 4.03 7.71
CA TYR A 191 13.06 2.69 7.62
C TYR A 191 12.58 2.04 6.33
N CYS A 192 13.50 1.43 5.58
CA CYS A 192 13.19 0.86 4.25
C CYS A 192 13.39 -0.65 4.28
N PRO A 193 12.31 -1.39 4.60
CA PRO A 193 12.42 -2.84 4.60
C PRO A 193 12.40 -3.36 3.17
N ASP A 194 12.88 -4.57 2.98
CA ASP A 194 12.60 -5.32 1.77
C ASP A 194 11.16 -5.87 1.76
N ASN A 195 10.61 -5.99 0.55
CA ASN A 195 9.45 -6.81 0.32
C ASN A 195 9.69 -8.22 0.90
N GLY A 196 8.96 -8.57 1.98
CA GLY A 196 9.05 -9.87 2.62
C GLY A 196 9.97 -9.98 3.83
N GLU A 197 10.64 -8.88 4.22
CA GLU A 197 11.54 -8.90 5.37
C GLU A 197 10.75 -8.95 6.69
N ASN A 198 11.21 -9.74 7.67
CA ASN A 198 10.68 -9.60 9.03
C ASN A 198 11.33 -8.46 9.77
N TRP A 199 10.65 -7.32 9.79
CA TRP A 199 11.25 -6.12 10.34
C TRP A 199 10.87 -5.85 11.80
N ILE A 200 10.08 -6.74 12.40
CA ILE A 200 9.63 -6.54 13.77
C ILE A 200 10.81 -6.29 14.70
N PRO A 201 11.82 -7.20 14.74
CA PRO A 201 12.96 -6.90 15.65
C PRO A 201 13.62 -5.52 15.44
N ALA A 202 13.88 -5.14 14.19
CA ALA A 202 14.54 -3.86 13.88
C ALA A 202 13.70 -2.64 14.26
N ILE A 203 12.41 -2.70 13.98
CA ILE A 203 11.50 -1.63 14.37
C ILE A 203 11.36 -1.54 15.92
N THR A 204 11.20 -2.69 16.60
CA THR A 204 11.14 -2.78 18.07
C THR A 204 12.36 -2.07 18.69
N ARG A 205 13.49 -2.15 17.97
CA ARG A 205 14.74 -1.49 18.34
C ARG A 205 14.66 0.01 18.16
N LEU A 206 14.19 0.46 16.99
CA LEU A 206 14.09 1.88 16.71
C LEU A 206 13.24 2.59 17.75
N LEU A 207 12.15 1.94 18.16
CA LEU A 207 11.19 2.53 19.09
C LEU A 207 11.76 2.71 20.50
N ARG A 208 12.79 1.94 20.82
CA ARG A 208 13.50 2.01 22.10
CA ARG A 208 13.42 2.05 22.12
C ARG A 208 14.27 3.31 22.31
N GLU A 209 14.58 4.01 21.21
CA GLU A 209 15.51 5.16 21.30
C GLU A 209 14.96 6.54 21.80
N GLN A 210 15.86 7.24 22.50
CA GLN A 210 15.54 8.47 23.24
C GLN A 210 16.11 9.71 22.55
#